data_1XG0
#
_entry.id   1XG0
#
_cell.length_a   62.980
_cell.length_b   82.764
_cell.length_c   89.477
_cell.angle_alpha   90.00
_cell.angle_beta   90.00
_cell.angle_gamma   90.00
#
_symmetry.space_group_name_H-M   'P 21 21 21'
#
loop_
_entity.id
_entity.type
_entity.pdbx_description
1 polymer 'Phycoerythrin alpha-3 chain'
2 polymer 'Phycoerythrin alpha-2 chain'
3 polymer 'B-phycoerythrin beta chain'
4 non-polymer 'MAGNESIUM ION'
5 non-polymer 15,16-DIHYDROBILIVERDIN
6 non-polymer 'CHLORIDE ION'
7 non-polymer PHYCOERYTHROBILIN
8 water water
#
loop_
_entity_poly.entity_id
_entity_poly.type
_entity_poly.pdbx_seq_one_letter_code
_entity_poly.pdbx_strand_id
1 'polypeptide(L)' AMD(LYZ)SAKAPQITIFDHRGCSRAPKESTGGKAGGQDDEMMVKVASTKVTVSESDAAKKLQEFITFEKGIDGPFTSKN A
2 'polypeptide(L)' AMDKSAKAPVITIFDHRGCSRAPKEYTGAKAGGKDDEMMVKAQSVKIEVSTGTAEGVLATSLAKMTK B
3 'polypeptide(L)'
;MLDAFSRVVTNADSKAAYVGGADLQALKKFISEGNKRLDSVNSIVSNASCIVSDAVSGMICENPSLISPSG(MEN)CYTN
RRMAACLRDGEIILRYVSYALLSGDASVLEDRCLNGLKETYSSLGVPANSNARAVSIMKACAVAFVNNTASQKKLSTPQG
DCSGLASEVGGYFDKVTAAIS
;
C,D
#
loop_
_chem_comp.id
_chem_comp.type
_chem_comp.name
_chem_comp.formula
CL non-polymer 'CHLORIDE ION' 'Cl -1'
DBV non-polymer 15,16-DIHYDROBILIVERDIN 'C33 H36 N4 O6'
MG non-polymer 'MAGNESIUM ION' 'Mg 2'
PEB non-polymer PHYCOERYTHROBILIN 'C33 H40 N4 O6'
#
# COMPACT_ATOMS: atom_id res chain seq x y z
N ALA A 1 -7.12 26.34 -15.05
CA ALA A 1 -8.05 25.87 -14.02
C ALA A 1 -8.14 24.37 -13.90
N MET A 2 -8.40 23.90 -12.70
CA MET A 2 -8.68 22.50 -12.42
C MET A 2 -9.91 22.10 -13.22
N ASP A 3 -9.76 21.13 -14.14
CA ASP A 3 -10.75 20.90 -15.18
C ASP A 3 -11.68 19.74 -14.90
N LYZ A 4 -11.59 19.15 -13.71
CA LYZ A 4 -12.52 18.14 -13.21
C LYZ A 4 -12.42 16.82 -13.96
O LYZ A 4 -13.20 15.88 -13.69
CB LYZ A 4 -13.97 18.65 -13.19
CG LYZ A 4 -14.12 19.94 -12.41
CD LYZ A 4 -15.42 20.63 -12.61
CE LYZ A 4 -15.54 21.89 -11.79
NZ LYZ A 4 -16.90 22.49 -11.96
OH LYZ A 4 -16.45 19.73 -12.13
N SER A 5 -11.45 16.64 -14.85
CA SER A 5 -11.33 15.40 -15.61
C SER A 5 -10.68 14.24 -14.86
N ALA A 6 -10.11 14.51 -13.68
CA ALA A 6 -9.35 13.55 -12.89
C ALA A 6 -8.08 13.10 -13.58
N LYS A 7 -7.63 13.81 -14.63
CA LYS A 7 -6.32 13.53 -15.23
C LYS A 7 -5.20 14.20 -14.48
N ALA A 8 -4.08 13.50 -14.39
CA ALA A 8 -2.89 14.03 -13.69
C ALA A 8 -1.65 13.45 -14.34
N PRO A 9 -0.51 14.13 -14.23
CA PRO A 9 0.74 13.57 -14.77
C PRO A 9 1.04 12.28 -14.13
N GLN A 10 1.52 11.34 -14.92
CA GLN A 10 1.95 10.03 -14.45
C GLN A 10 3.40 9.83 -14.85
N ILE A 11 4.29 9.77 -13.87
CA ILE A 11 5.73 9.71 -14.08
C ILE A 11 6.21 8.26 -13.88
N THR A 12 7.11 7.81 -14.77
CA THR A 12 7.89 6.59 -14.50
C THR A 12 9.35 6.93 -14.68
N ILE A 13 10.14 6.67 -13.64
CA ILE A 13 11.57 6.90 -13.67
C ILE A 13 12.27 5.54 -13.79
N PHE A 14 12.98 5.36 -14.90
CA PHE A 14 13.65 4.14 -15.20
C PHE A 14 15.20 4.36 -15.14
N ASP A 15 15.80 4.09 -13.98
CA ASP A 15 17.27 4.05 -13.91
C ASP A 15 17.64 2.59 -14.18
N HIS A 16 17.78 2.24 -15.48
CA HIS A 16 17.94 0.87 -15.91
C HIS A 16 19.35 0.65 -16.46
N ARG A 17 20.34 1.31 -15.84
CA ARG A 17 21.74 1.07 -16.15
C ARG A 17 22.07 -0.41 -15.94
N GLY A 18 22.62 -1.04 -16.97
CA GLY A 18 22.98 -2.43 -16.90
C GLY A 18 21.85 -3.40 -17.23
N CYS A 19 20.65 -2.90 -17.47
CA CYS A 19 19.53 -3.77 -17.74
C CYS A 19 19.64 -4.45 -19.11
N SER A 20 19.43 -5.76 -19.16
CA SER A 20 19.58 -6.50 -20.43
C SER A 20 18.43 -6.34 -21.37
N ARG A 21 17.30 -5.73 -20.95
CA ARG A 21 16.21 -5.40 -21.84
C ARG A 21 16.59 -4.13 -22.60
N ALA A 22 16.79 -4.25 -23.92
CA ALA A 22 17.34 -3.17 -24.67
C ALA A 22 16.39 -1.96 -24.71
N PRO A 23 16.90 -0.75 -24.59
CA PRO A 23 16.05 0.44 -24.78
C PRO A 23 15.51 0.55 -26.22
N LYS A 24 14.31 0.95 -26.40
CA LYS A 24 13.77 1.10 -27.75
CA LYS A 24 13.83 1.16 -27.76
C LYS A 24 12.82 2.27 -27.88
N GLU A 25 12.63 3.07 -26.84
CA GLU A 25 11.58 4.04 -26.77
C GLU A 25 12.04 5.48 -26.85
N SER A 26 13.34 5.75 -26.76
CA SER A 26 13.83 7.13 -26.88
C SER A 26 13.76 7.57 -28.32
N THR A 27 13.80 8.87 -28.51
CA THR A 27 13.64 9.46 -29.84
C THR A 27 14.63 10.51 -30.20
N GLY A 28 15.60 10.82 -29.33
CA GLY A 28 16.55 11.86 -29.60
C GLY A 28 17.99 11.44 -29.72
N GLY A 29 18.27 10.13 -29.91
CA GLY A 29 19.64 9.71 -30.07
C GLY A 29 20.34 9.58 -28.74
N LYS A 30 21.64 9.49 -28.86
CA LYS A 30 22.51 8.93 -27.83
C LYS A 30 23.38 9.97 -27.23
N ALA A 31 23.51 9.89 -25.89
CA ALA A 31 24.45 10.69 -25.12
C ALA A 31 25.89 10.19 -25.19
N GLY A 32 26.05 8.93 -25.55
CA GLY A 32 27.38 8.29 -25.47
C GLY A 32 27.81 7.99 -24.06
N GLY A 33 26.86 7.60 -23.22
CA GLY A 33 27.17 7.27 -21.85
C GLY A 33 25.93 6.80 -21.15
N GLN A 34 25.95 6.75 -19.82
CA GLN A 34 24.93 6.01 -19.06
C GLN A 34 23.50 6.58 -19.18
N ASP A 35 23.34 7.85 -19.61
CA ASP A 35 22.01 8.35 -19.90
C ASP A 35 21.31 7.49 -20.95
N ASP A 36 22.08 6.77 -21.77
CA ASP A 36 21.51 5.92 -22.81
C ASP A 36 20.82 4.67 -22.26
N GLU A 37 20.89 4.45 -20.94
CA GLU A 37 20.23 3.33 -20.28
C GLU A 37 19.25 3.83 -19.23
N MET A 38 18.89 5.11 -19.25
CA MET A 38 17.95 5.68 -18.27
C MET A 38 16.90 6.50 -19.03
N MET A 39 15.75 6.70 -18.36
CA MET A 39 14.65 7.40 -18.99
C MET A 39 13.69 7.95 -17.96
N VAL A 40 13.11 9.12 -18.27
CA VAL A 40 11.95 9.65 -17.60
C VAL A 40 10.79 9.60 -18.58
N LYS A 41 9.69 8.97 -18.19
CA LYS A 41 8.46 8.92 -18.99
C LYS A 41 7.41 9.76 -18.25
N VAL A 42 6.68 10.59 -19.00
CA VAL A 42 5.57 11.33 -18.47
C VAL A 42 4.38 11.14 -19.37
N ALA A 43 3.25 10.71 -18.79
CA ALA A 43 1.95 10.57 -19.46
C ALA A 43 0.96 11.45 -18.71
N SER A 44 -0.19 11.71 -19.32
CA SER A 44 -1.33 12.35 -18.67
C SER A 44 -2.49 11.35 -18.72
N THR A 45 -2.85 10.81 -17.57
CA THR A 45 -3.83 9.75 -17.50
C THR A 45 -4.85 10.05 -16.43
N LYS A 46 -6.06 9.53 -16.63
CA LYS A 46 -7.12 9.65 -15.68
C LYS A 46 -6.81 8.82 -14.46
N VAL A 47 -7.01 9.37 -13.27
CA VAL A 47 -6.86 8.62 -12.04
C VAL A 47 -8.25 8.08 -11.67
N THR A 48 -8.31 6.78 -11.41
CA THR A 48 -9.57 6.13 -11.01
C THR A 48 -9.27 5.12 -9.91
N VAL A 49 -10.21 5.03 -9.00
CA VAL A 49 -10.19 4.02 -7.94
C VAL A 49 -11.54 3.33 -7.93
N SER A 50 -11.57 2.00 -8.04
CA SER A 50 -12.83 1.29 -8.06
C SER A 50 -13.47 1.27 -6.68
N GLU A 51 -14.81 1.11 -6.67
CA GLU A 51 -15.52 0.93 -5.41
C GLU A 51 -15.08 -0.31 -4.69
N SER A 52 -14.80 -1.42 -5.42
CA SER A 52 -14.35 -2.64 -4.74
C SER A 52 -13.01 -2.38 -4.05
N ASP A 53 -12.10 -1.64 -4.70
CA ASP A 53 -10.81 -1.33 -4.08
C ASP A 53 -10.98 -0.45 -2.85
N ALA A 54 -11.87 0.52 -2.94
CA ALA A 54 -12.15 1.39 -1.79
C ALA A 54 -12.70 0.57 -0.61
N ALA A 55 -13.52 -0.46 -0.90
CA ALA A 55 -14.03 -1.34 0.17
C ALA A 55 -12.87 -2.08 0.84
N LYS A 56 -11.88 -2.54 0.05
CA LYS A 56 -10.72 -3.23 0.65
C LYS A 56 -9.97 -2.28 1.56
N LYS A 57 -9.78 -1.02 1.13
CA LYS A 57 -9.08 -0.04 1.95
C LYS A 57 -9.83 0.26 3.24
N LEU A 58 -11.17 0.43 3.15
CA LEU A 58 -11.96 0.68 4.36
C LEU A 58 -11.76 -0.43 5.39
N GLN A 59 -11.73 -1.69 4.94
CA GLN A 59 -11.60 -2.80 5.88
C GLN A 59 -10.25 -2.77 6.60
N GLU A 60 -9.22 -2.19 5.94
CA GLU A 60 -7.94 -1.96 6.60
C GLU A 60 -8.02 -0.76 7.56
N PHE A 61 -8.61 0.36 7.08
CA PHE A 61 -8.58 1.62 7.82
C PHE A 61 -9.41 1.59 9.10
N ILE A 62 -10.52 0.84 9.12
CA ILE A 62 -11.50 0.91 10.18
C ILE A 62 -10.99 0.38 11.52
N THR A 63 -9.82 -0.27 11.52
CA THR A 63 -9.27 -0.84 12.70
C THR A 63 -8.28 0.07 13.41
N PHE A 64 -7.88 1.18 12.80
CA PHE A 64 -7.03 2.18 13.44
C PHE A 64 -5.64 1.67 13.81
N GLU A 65 -5.05 0.91 12.87
CA GLU A 65 -3.67 0.49 12.90
C GLU A 65 -2.84 1.43 12.00
N LYS A 66 -1.53 1.20 11.94
CA LYS A 66 -0.64 2.07 11.19
C LYS A 66 0.53 1.29 10.61
N GLY A 67 1.32 1.98 9.79
CA GLY A 67 2.56 1.43 9.30
C GLY A 67 3.68 1.62 10.34
N ILE A 68 4.91 1.27 9.97
CA ILE A 68 6.02 1.46 10.87
C ILE A 68 6.28 2.95 11.12
N ASP A 69 6.30 3.74 10.05
CA ASP A 69 6.61 5.17 10.15
C ASP A 69 5.50 5.93 10.89
N GLY A 70 5.95 7.06 11.48
CA GLY A 70 5.09 8.05 12.05
C GLY A 70 4.70 7.77 13.50
N PRO A 71 4.30 8.84 14.20
CA PRO A 71 3.64 8.65 15.51
C PRO A 71 2.27 8.03 15.34
N PHE A 72 1.82 7.38 16.41
CA PHE A 72 0.47 6.93 16.59
C PHE A 72 -0.37 8.08 17.17
N THR A 73 -1.27 8.64 16.39
CA THR A 73 -2.05 9.80 16.74
C THR A 73 -3.51 9.50 16.90
N SER A 74 -3.95 8.30 16.64
CA SER A 74 -5.34 7.99 16.84
C SER A 74 -5.69 8.03 18.44
N LYS A 75 -6.94 8.35 18.71
CA LYS A 75 -7.49 8.25 19.99
C LYS A 75 -8.48 7.06 20.07
N ASN A 76 -8.53 6.24 18.99
CA ASN A 76 -9.46 5.13 18.91
C ASN A 76 -8.69 3.83 18.65
N ALA B 1 -8.60 -29.46 1.30
CA ALA B 1 -7.81 -29.23 0.03
C ALA B 1 -7.86 -27.75 -0.32
N MET B 2 -6.81 -27.28 -1.04
CA MET B 2 -6.88 -25.98 -1.67
C MET B 2 -7.91 -26.14 -2.77
N ASP B 3 -9.03 -25.41 -2.66
CA ASP B 3 -10.21 -25.67 -3.50
C ASP B 3 -10.32 -24.83 -4.77
N LYS B 4 -9.33 -23.98 -5.03
CA LYS B 4 -9.27 -23.16 -6.27
C LYS B 4 -10.31 -22.02 -6.33
N SER B 5 -11.05 -21.82 -5.26
CA SER B 5 -12.12 -20.82 -5.23
C SER B 5 -11.62 -19.39 -5.14
N ALA B 6 -10.33 -19.22 -4.78
CA ALA B 6 -9.77 -17.91 -4.49
C ALA B 6 -10.41 -17.24 -3.25
N LYS B 7 -11.11 -18.04 -2.43
CA LYS B 7 -11.64 -17.52 -1.18
C LYS B 7 -10.60 -17.64 -0.07
N ALA B 8 -10.69 -16.75 0.90
CA ALA B 8 -9.82 -16.81 2.08
C ALA B 8 -10.60 -16.17 3.23
N PRO B 9 -10.17 -16.46 4.47
CA PRO B 9 -10.79 -15.83 5.65
C PRO B 9 -10.27 -14.38 5.80
N VAL B 10 -11.17 -13.43 5.65
CA VAL B 10 -10.89 -12.03 5.90
C VAL B 10 -11.25 -11.77 7.37
N ILE B 11 -10.26 -11.41 8.15
CA ILE B 11 -10.42 -11.10 9.58
C ILE B 11 -10.38 -9.61 9.74
N THR B 12 -11.34 -9.06 10.50
CA THR B 12 -11.31 -7.67 10.90
C THR B 12 -11.31 -7.64 12.43
N ILE B 13 -10.27 -7.07 13.00
CA ILE B 13 -10.11 -6.96 14.46
C ILE B 13 -10.60 -5.56 14.85
N PHE B 14 -11.76 -5.49 15.50
CA PHE B 14 -12.37 -4.22 15.94
C PHE B 14 -12.15 -4.03 17.42
N ASP B 15 -11.08 -3.37 17.80
CA ASP B 15 -10.90 -2.94 19.16
C ASP B 15 -11.34 -1.48 19.18
N HIS B 16 -12.62 -1.27 19.53
CA HIS B 16 -13.22 0.05 19.47
C HIS B 16 -13.64 0.47 20.90
N ARG B 17 -12.73 0.26 21.84
CA ARG B 17 -12.88 0.79 23.19
C ARG B 17 -13.01 2.30 23.11
N GLY B 18 -14.00 2.82 23.83
CA GLY B 18 -14.23 4.26 23.88
C GLY B 18 -14.97 4.83 22.70
N CYS B 19 -15.39 4.01 21.74
CA CYS B 19 -16.03 4.51 20.53
C CYS B 19 -17.48 4.84 20.78
N SER B 20 -17.91 6.01 20.26
CA SER B 20 -19.26 6.48 20.42
C SER B 20 -20.30 5.74 19.56
N ARG B 21 -19.86 5.02 18.52
CA ARG B 21 -20.74 4.23 17.67
C ARG B 21 -21.04 2.94 18.42
N ALA B 22 -22.28 2.69 18.75
CA ALA B 22 -22.61 1.56 19.61
C ALA B 22 -22.40 0.21 18.90
N PRO B 23 -21.85 -0.78 19.62
CA PRO B 23 -21.87 -2.14 19.08
C PRO B 23 -23.27 -2.61 18.80
N LYS B 24 -23.46 -3.47 17.84
CA LYS B 24 -24.77 -4.07 17.57
C LYS B 24 -24.70 -5.41 16.83
N GLU B 25 -23.66 -5.63 16.07
CA GLU B 25 -23.58 -6.80 15.21
C GLU B 25 -23.48 -8.07 16.01
N TYR B 26 -22.64 -8.07 17.04
CA TYR B 26 -22.53 -9.26 17.93
C TYR B 26 -23.73 -9.22 18.90
N THR B 27 -24.46 -10.33 18.91
CA THR B 27 -25.68 -10.46 19.71
C THR B 27 -25.57 -11.59 20.76
N GLY B 28 -24.35 -12.12 20.96
CA GLY B 28 -24.15 -13.09 22.01
C GLY B 28 -24.07 -12.44 23.40
N ALA B 29 -23.77 -13.24 24.40
CA ALA B 29 -23.76 -12.74 25.77
C ALA B 29 -22.69 -11.67 25.98
N LYS B 30 -22.98 -10.75 26.90
CA LYS B 30 -22.09 -9.67 27.26
C LYS B 30 -21.11 -10.11 28.34
N ALA B 31 -19.93 -9.47 28.32
CA ALA B 31 -18.88 -9.71 29.32
C ALA B 31 -19.01 -8.83 30.58
N GLY B 32 -19.65 -7.68 30.43
CA GLY B 32 -19.73 -6.69 31.48
C GLY B 32 -18.41 -5.98 31.64
N GLY B 33 -17.70 -5.66 30.57
CA GLY B 33 -16.43 -4.95 30.61
C GLY B 33 -15.99 -4.58 29.21
N LYS B 34 -14.69 -4.31 29.05
CA LYS B 34 -14.19 -3.76 27.79
CA LYS B 34 -14.14 -3.79 27.79
C LYS B 34 -14.35 -4.71 26.61
N ASP B 35 -14.51 -6.01 26.86
CA ASP B 35 -14.76 -6.95 25.76
C ASP B 35 -16.07 -6.62 25.03
N ASP B 36 -17.00 -5.91 25.69
CA ASP B 36 -18.23 -5.49 25.01
C ASP B 36 -18.04 -4.39 23.99
N GLU B 37 -16.84 -3.81 23.94
CA GLU B 37 -16.48 -2.74 23.00
C GLU B 37 -15.47 -3.24 21.93
N MET B 38 -15.26 -4.54 21.88
CA MET B 38 -14.27 -5.13 20.98
C MET B 38 -14.86 -6.40 20.36
N MET B 39 -14.37 -6.75 19.17
CA MET B 39 -14.95 -7.81 18.43
CA MET B 39 -14.79 -8.02 18.55
C MET B 39 -13.86 -8.35 17.43
N VAL B 40 -13.88 -9.66 17.19
CA VAL B 40 -13.24 -10.29 16.03
C VAL B 40 -14.33 -10.66 15.04
N LYS B 41 -14.20 -10.17 13.81
CA LYS B 41 -15.08 -10.56 12.69
C LYS B 41 -14.26 -11.46 11.75
N ALA B 42 -14.88 -12.49 11.22
CA ALA B 42 -14.27 -13.26 10.15
C ALA B 42 -15.34 -13.56 9.11
N GLN B 43 -14.90 -13.65 7.85
CA GLN B 43 -15.83 -13.89 6.74
C GLN B 43 -15.06 -14.54 5.60
N SER B 44 -15.69 -15.50 4.95
CA SER B 44 -15.13 -16.10 3.75
C SER B 44 -15.42 -15.14 2.58
N VAL B 45 -14.35 -14.68 1.92
CA VAL B 45 -14.45 -13.67 0.87
C VAL B 45 -13.64 -14.13 -0.32
N LYS B 46 -14.20 -13.99 -1.54
CA LYS B 46 -13.40 -14.17 -2.74
C LYS B 46 -12.41 -13.01 -2.85
N ILE B 47 -11.13 -13.37 -2.90
CA ILE B 47 -10.07 -12.36 -2.95
C ILE B 47 -9.91 -11.91 -4.40
N GLU B 48 -10.03 -10.60 -4.61
CA GLU B 48 -9.97 -9.98 -5.92
C GLU B 48 -8.95 -8.85 -5.91
N VAL B 49 -8.21 -8.74 -7.01
CA VAL B 49 -7.25 -7.66 -7.24
C VAL B 49 -7.61 -7.03 -8.57
N SER B 50 -7.68 -5.71 -8.60
CA SER B 50 -8.11 -4.98 -9.77
C SER B 50 -6.97 -4.75 -10.78
N THR B 51 -7.41 -4.42 -12.00
CA THR B 51 -6.52 -3.95 -13.06
CA THR B 51 -6.41 -4.06 -12.99
C THR B 51 -5.71 -2.76 -12.57
N GLY B 52 -6.35 -1.83 -11.91
CA GLY B 52 -5.68 -0.64 -11.46
C GLY B 52 -4.58 -0.93 -10.45
N THR B 53 -4.86 -1.81 -9.50
CA THR B 53 -3.84 -2.20 -8.55
C THR B 53 -2.67 -2.89 -9.26
N ALA B 54 -2.99 -3.80 -10.17
CA ALA B 54 -1.95 -4.50 -10.92
C ALA B 54 -1.06 -3.52 -11.70
N GLU B 55 -1.69 -2.52 -12.34
CA GLU B 55 -0.95 -1.50 -13.09
C GLU B 55 -0.06 -0.70 -12.15
N GLY B 56 -0.55 -0.39 -10.95
CA GLY B 56 0.28 0.35 -9.98
C GLY B 56 1.47 -0.42 -9.51
N VAL B 57 1.32 -1.72 -9.26
CA VAL B 57 2.45 -2.53 -8.85
C VAL B 57 3.46 -2.67 -9.97
N LEU B 58 2.99 -2.83 -11.21
CA LEU B 58 3.88 -2.87 -12.37
C LEU B 58 4.73 -1.58 -12.43
N ALA B 59 4.08 -0.42 -12.29
CA ALA B 59 4.81 0.86 -12.39
C ALA B 59 5.81 1.00 -11.23
N THR B 60 5.42 0.60 -10.02
CA THR B 60 6.36 0.62 -8.87
C THR B 60 7.56 -0.26 -9.15
N SER B 61 7.30 -1.46 -9.65
CA SER B 61 8.37 -2.41 -9.86
C SER B 61 9.37 -1.90 -10.92
N LEU B 62 8.84 -1.37 -12.02
CA LEU B 62 9.71 -0.80 -13.07
C LEU B 62 10.54 0.34 -12.53
N ALA B 63 9.97 1.18 -11.67
CA ALA B 63 10.71 2.32 -11.14
C ALA B 63 11.73 1.93 -10.10
N LYS B 64 11.50 0.85 -9.35
CA LYS B 64 12.43 0.43 -8.31
CA LYS B 64 12.42 0.44 -8.31
C LYS B 64 13.53 -0.49 -8.83
N MET B 65 13.28 -1.25 -9.90
CA MET B 65 14.33 -2.09 -10.44
C MET B 65 15.39 -1.26 -11.16
N THR B 66 16.55 -1.90 -11.32
CA THR B 66 17.70 -1.28 -12.01
C THR B 66 18.24 -2.21 -13.09
N LYS B 67 18.64 -3.43 -12.69
CA LYS B 67 19.14 -4.45 -13.65
C LYS B 67 18.93 -5.86 -13.10
N ASP C 3 9.72 21.23 -22.92
CA ASP C 3 8.73 21.21 -24.04
C ASP C 3 7.95 19.90 -24.14
N ALA C 4 8.65 18.75 -24.20
CA ALA C 4 7.97 17.47 -24.39
C ALA C 4 7.04 17.16 -23.23
N PHE C 5 7.46 17.45 -22.01
CA PHE C 5 6.55 17.18 -20.93
C PHE C 5 5.36 18.14 -20.92
N SER C 6 5.61 19.40 -21.27
CA SER C 6 4.53 20.39 -21.26
C SER C 6 3.39 20.03 -22.20
N ARG C 7 3.74 19.54 -23.36
CA ARG C 7 2.80 19.12 -24.33
C ARG C 7 1.88 18.04 -23.79
N VAL C 8 2.49 17.09 -23.10
CA VAL C 8 1.75 15.97 -22.53
C VAL C 8 0.81 16.43 -21.41
N VAL C 9 1.34 17.22 -20.47
CA VAL C 9 0.66 17.45 -19.20
C VAL C 9 -0.46 18.45 -19.34
N THR C 10 -0.43 19.22 -20.44
CA THR C 10 -1.49 20.18 -20.74
C THR C 10 -2.35 19.55 -21.82
N ALA C 12 -2.31 18.62 -24.75
CA ALA C 12 -2.14 19.04 -26.16
C ALA C 12 -1.70 17.88 -27.04
N ASP C 13 -0.63 17.20 -26.61
CA ASP C 13 -0.24 15.93 -27.20
C ASP C 13 -0.73 14.79 -26.30
N SER C 14 -1.41 13.84 -26.90
CA SER C 14 -2.12 12.84 -26.13
C SER C 14 -1.16 11.74 -25.66
N LYS C 15 -0.11 11.48 -26.45
CA LYS C 15 0.75 10.34 -26.19
C LYS C 15 1.86 10.72 -25.21
N ALA C 16 2.33 9.73 -24.48
CA ALA C 16 3.34 9.93 -23.49
C ALA C 16 4.66 10.44 -24.09
N ALA C 17 5.43 11.13 -23.25
CA ALA C 17 6.77 11.56 -23.56
C ALA C 17 7.76 10.57 -22.98
N TYR C 18 8.71 10.13 -23.80
CA TYR C 18 9.75 9.15 -23.44
C TYR C 18 11.11 9.84 -23.58
N VAL C 19 11.68 10.27 -22.45
CA VAL C 19 12.88 11.13 -22.46
C VAL C 19 14.06 10.30 -21.94
N GLY C 20 14.88 9.79 -22.87
CA GLY C 20 16.00 8.94 -22.51
C GLY C 20 17.23 9.35 -23.31
N GLY C 21 18.39 8.83 -22.97
CA GLY C 21 19.56 9.09 -23.82
C GLY C 21 19.90 10.55 -23.89
N ALA C 22 20.22 11.03 -25.08
CA ALA C 22 20.58 12.43 -25.25
C ALA C 22 19.50 13.39 -24.77
N ASP C 23 18.24 13.04 -24.95
CA ASP C 23 17.16 13.89 -24.46
C ASP C 23 17.16 14.01 -22.93
N LEU C 24 17.51 12.93 -22.24
CA LEU C 24 17.62 12.97 -20.79
C LEU C 24 18.84 13.77 -20.35
N GLN C 25 19.96 13.64 -21.06
CA GLN C 25 21.11 14.49 -20.80
C GLN C 25 20.72 15.94 -20.90
N ALA C 26 19.96 16.28 -21.94
CA ALA C 26 19.51 17.67 -22.11
C ALA C 26 18.55 18.08 -21.01
N LEU C 27 17.63 17.21 -20.61
CA LEU C 27 16.67 17.54 -19.58
C LEU C 27 17.42 17.97 -18.30
N LYS C 28 18.44 17.20 -17.93
CA LYS C 28 19.16 17.46 -16.69
C LYS C 28 19.98 18.74 -16.76
N LYS C 29 20.20 19.35 -17.93
CA LYS C 29 20.83 20.67 -17.98
C LYS C 29 19.86 21.80 -17.71
N PHE C 30 18.56 21.56 -17.76
CA PHE C 30 17.54 22.59 -17.58
C PHE C 30 16.77 22.54 -16.28
N ILE C 31 16.98 21.53 -15.47
CA ILE C 31 16.44 21.44 -14.13
C ILE C 31 17.65 21.48 -13.19
N SER C 32 17.52 22.08 -12.03
CA SER C 32 18.64 22.13 -11.10
C SER C 32 18.89 20.78 -10.47
N GLU C 33 20.14 20.51 -10.19
CA GLU C 33 20.54 19.26 -9.51
C GLU C 33 19.87 18.05 -10.15
N GLY C 34 20.06 17.92 -11.47
CA GLY C 34 19.24 16.97 -12.21
C GLY C 34 19.24 15.54 -11.71
N ASN C 35 20.42 14.95 -11.47
CA ASN C 35 20.46 13.59 -11.00
C ASN C 35 19.79 13.42 -9.63
N LYS C 36 20.15 14.29 -8.69
CA LYS C 36 19.50 14.26 -7.36
C LYS C 36 17.98 14.46 -7.50
N ARG C 37 17.57 15.36 -8.36
CA ARG C 37 16.15 15.67 -8.55
C ARG C 37 15.41 14.43 -9.03
N LEU C 38 15.97 13.69 -9.98
CA LEU C 38 15.29 12.47 -10.44
C LEU C 38 15.26 11.41 -9.35
N ASP C 39 16.33 11.27 -8.57
CA ASP C 39 16.26 10.36 -7.40
C ASP C 39 15.12 10.81 -6.47
N SER C 40 15.00 12.11 -6.22
CA SER C 40 13.98 12.62 -5.30
CA SER C 40 13.97 12.65 -5.33
C SER C 40 12.59 12.31 -5.81
N VAL C 41 12.34 12.54 -7.11
CA VAL C 41 11.05 12.26 -7.70
C VAL C 41 10.74 10.77 -7.58
N ASN C 42 11.71 9.92 -7.94
CA ASN C 42 11.45 8.51 -7.90
C ASN C 42 11.11 8.03 -6.46
N SER C 43 11.76 8.63 -5.47
CA SER C 43 11.53 8.21 -4.08
C SER C 43 10.08 8.46 -3.67
N ILE C 44 9.42 9.44 -4.25
CA ILE C 44 8.01 9.72 -3.99
C ILE C 44 7.14 8.86 -4.90
N VAL C 45 7.35 8.97 -6.22
CA VAL C 45 6.45 8.30 -7.16
C VAL C 45 6.44 6.79 -6.95
N SER C 46 7.60 6.17 -6.75
CA SER C 46 7.63 4.72 -6.62
C SER C 46 7.00 4.22 -5.32
N ASN C 47 6.82 5.12 -4.35
CA ASN C 47 6.20 4.82 -3.06
C ASN C 47 4.81 5.43 -2.92
N ALA C 48 4.22 5.87 -4.06
CA ALA C 48 2.98 6.67 -3.99
C ALA C 48 1.83 5.91 -3.37
N SER C 49 1.70 4.61 -3.61
CA SER C 49 0.56 3.87 -3.08
CA SER C 49 0.57 3.85 -3.07
CA SER C 49 0.49 3.99 -3.06
C SER C 49 0.55 3.92 -1.54
N CYS C 50 1.73 3.69 -0.94
CA CYS C 50 1.79 3.70 0.54
C CYS C 50 1.58 5.11 1.06
N ILE C 51 2.11 6.11 0.37
CA ILE C 51 1.96 7.51 0.82
C ILE C 51 0.48 7.88 0.89
N VAL C 52 -0.26 7.61 -0.19
CA VAL C 52 -1.66 7.98 -0.23
C VAL C 52 -2.44 7.16 0.82
N SER C 53 -2.20 5.86 0.89
CA SER C 53 -2.91 5.02 1.84
C SER C 53 -2.65 5.49 3.28
N ASP C 54 -1.38 5.73 3.61
CA ASP C 54 -1.04 6.14 4.98
C ASP C 54 -1.68 7.48 5.32
N ALA C 55 -1.71 8.41 4.37
CA ALA C 55 -2.28 9.73 4.60
C ALA C 55 -3.78 9.69 4.80
N VAL C 56 -4.49 8.92 3.96
CA VAL C 56 -5.94 8.80 4.12
C VAL C 56 -6.26 7.99 5.39
N SER C 57 -5.49 6.94 5.64
CA SER C 57 -5.70 6.15 6.85
C SER C 57 -5.49 7.01 8.09
N GLY C 58 -4.46 7.87 8.07
CA GLY C 58 -4.16 8.70 9.23
C GLY C 58 -5.18 9.82 9.42
N MET C 59 -5.60 10.43 8.31
CA MET C 59 -6.69 11.40 8.36
C MET C 59 -7.91 10.76 9.08
N ILE C 60 -8.25 9.53 8.70
CA ILE C 60 -9.40 8.85 9.28
C ILE C 60 -9.12 8.41 10.71
N CYS C 61 -7.95 7.89 11.03
CA CYS C 61 -7.75 7.40 12.38
C CYS C 61 -7.74 8.56 13.40
N GLU C 62 -7.37 9.75 12.94
CA GLU C 62 -7.47 10.96 13.75
C GLU C 62 -8.88 11.52 13.82
N ASN C 63 -9.76 11.11 12.91
CA ASN C 63 -11.16 11.59 12.90
C ASN C 63 -12.05 10.52 12.29
N PRO C 64 -12.40 9.50 13.09
CA PRO C 64 -13.16 8.38 12.53
C PRO C 64 -14.55 8.76 12.02
N SER C 65 -15.10 9.92 12.44
CA SER C 65 -16.37 10.36 11.94
C SER C 65 -16.37 10.47 10.41
N LEU C 66 -15.21 10.57 9.76
CA LEU C 66 -15.16 10.60 8.32
C LEU C 66 -15.72 9.38 7.65
N ILE C 67 -15.73 8.22 8.32
CA ILE C 67 -16.29 6.99 7.79
C ILE C 67 -17.57 6.58 8.53
N SER C 68 -18.10 7.46 9.39
CA SER C 68 -19.43 7.28 9.91
C SER C 68 -20.45 7.61 8.82
N PRO C 69 -21.74 7.30 9.02
CA PRO C 69 -22.73 7.54 7.95
C PRO C 69 -22.84 8.99 7.56
N SER C 70 -22.48 9.93 8.43
CA SER C 70 -22.51 11.34 8.09
C SER C 70 -21.19 11.90 7.57
N GLY C 71 -20.14 11.09 7.49
CA GLY C 71 -18.83 11.51 7.08
C GLY C 71 -18.63 11.54 5.58
N MEN C 72 -17.66 12.35 5.14
CA MEN C 72 -17.49 12.53 3.69
C MEN C 72 -16.82 11.39 2.96
O MEN C 72 -16.83 11.36 1.74
CB MEN C 72 -16.75 13.85 3.43
CG MEN C 72 -16.91 14.36 2.02
OD1 MEN C 72 -15.94 14.49 1.25
ND2 MEN C 72 -18.13 14.70 1.67
CE2 MEN C 72 -18.49 15.26 0.35
N CYS C 73 -16.23 10.42 3.71
CA CYS C 73 -15.71 9.22 3.10
C CYS C 73 -16.66 8.02 3.20
N TYR C 74 -17.91 8.23 3.68
CA TYR C 74 -18.86 7.14 3.78
C TYR C 74 -19.29 6.68 2.39
N THR C 75 -19.42 5.38 2.23
CA THR C 75 -19.68 4.65 1.00
C THR C 75 -18.41 4.43 0.20
N ASN C 76 -18.36 3.29 -0.48
CA ASN C 76 -17.24 2.99 -1.32
C ASN C 76 -17.03 4.06 -2.39
N ARG C 77 -18.16 4.59 -2.93
CA ARG C 77 -18.03 5.60 -3.95
C ARG C 77 -17.22 6.79 -3.47
N ARG C 78 -17.57 7.32 -2.28
CA ARG C 78 -16.88 8.50 -1.76
C ARG C 78 -15.45 8.18 -1.32
N MET C 79 -15.23 7.05 -0.65
CA MET C 79 -13.88 6.67 -0.28
C MET C 79 -13.01 6.59 -1.52
N ALA C 80 -13.53 6.00 -2.61
CA ALA C 80 -12.76 5.90 -3.85
C ALA C 80 -12.36 7.27 -4.35
N ALA C 81 -13.33 8.21 -4.35
CA ALA C 81 -13.04 9.56 -4.83
C ALA C 81 -11.97 10.23 -3.96
N CYS C 82 -11.98 10.00 -2.64
CA CYS C 82 -10.97 10.59 -1.77
C CYS C 82 -9.58 9.98 -1.99
N LEU C 83 -9.49 8.66 -2.06
CA LEU C 83 -8.23 7.98 -2.39
C LEU C 83 -7.71 8.50 -3.73
N ARG C 84 -8.62 8.61 -4.71
CA ARG C 84 -8.24 9.13 -6.03
C ARG C 84 -7.67 10.54 -5.91
N ASP C 85 -8.37 11.41 -5.19
CA ASP C 85 -7.90 12.81 -5.08
C ASP C 85 -6.53 12.88 -4.39
N GLY C 86 -6.29 12.05 -3.36
CA GLY C 86 -4.97 12.05 -2.75
C GLY C 86 -3.89 11.73 -3.76
N GLU C 87 -4.16 10.72 -4.59
CA GLU C 87 -3.21 10.32 -5.65
C GLU C 87 -3.05 11.42 -6.70
N ILE C 88 -4.15 12.06 -7.12
CA ILE C 88 -4.04 13.19 -8.06
C ILE C 88 -3.13 14.28 -7.50
N ILE C 89 -3.40 14.69 -6.26
CA ILE C 89 -2.60 15.76 -5.64
C ILE C 89 -1.14 15.35 -5.59
N LEU C 90 -0.87 14.14 -5.13
CA LEU C 90 0.52 13.68 -5.04
C LEU C 90 1.18 13.67 -6.42
N ARG C 91 0.44 13.26 -7.45
CA ARG C 91 0.97 13.26 -8.81
C ARG C 91 1.33 14.68 -9.28
N TYR C 92 0.46 15.67 -9.02
CA TYR C 92 0.81 17.02 -9.43
C TYR C 92 2.01 17.55 -8.60
N VAL C 93 2.10 17.24 -7.32
CA VAL C 93 3.25 17.67 -6.54
C VAL C 93 4.52 17.01 -7.11
N SER C 94 4.45 15.73 -7.43
CA SER C 94 5.62 15.02 -7.97
C SER C 94 6.06 15.63 -9.31
N TYR C 95 5.09 16.03 -10.16
CA TYR C 95 5.45 16.67 -11.41
C TYR C 95 6.02 18.05 -11.21
N ALA C 96 5.59 18.77 -10.18
CA ALA C 96 6.21 20.07 -9.86
C ALA C 96 7.68 19.84 -9.49
N LEU C 97 7.98 18.78 -8.73
CA LEU C 97 9.37 18.46 -8.38
C LEU C 97 10.17 18.03 -9.60
N LEU C 98 9.58 17.25 -10.50
CA LEU C 98 10.28 16.85 -11.72
C LEU C 98 10.65 18.06 -12.57
N SER C 99 9.67 18.96 -12.72
CA SER C 99 9.86 20.09 -13.63
CA SER C 99 9.74 20.17 -13.57
C SER C 99 10.56 21.28 -12.95
N GLY C 100 10.66 21.30 -11.63
CA GLY C 100 11.24 22.41 -10.91
C GLY C 100 10.42 23.67 -10.87
N ASP C 101 9.10 23.57 -10.99
CA ASP C 101 8.22 24.64 -11.15
C ASP C 101 6.82 24.31 -10.64
N ALA C 102 6.09 25.33 -10.16
CA ALA C 102 4.72 25.14 -9.69
C ALA C 102 3.64 25.51 -10.69
N SER C 103 3.99 25.88 -11.92
CA SER C 103 3.00 26.45 -12.79
C SER C 103 1.85 25.49 -13.12
N VAL C 104 2.16 24.26 -13.50
CA VAL C 104 1.15 23.27 -13.82
C VAL C 104 0.34 22.90 -12.57
N LEU C 105 1.03 22.77 -11.44
CA LEU C 105 0.36 22.48 -10.18
C LEU C 105 -0.70 23.54 -9.91
N GLU C 106 -0.30 24.80 -10.05
CA GLU C 106 -1.24 25.90 -9.79
C GLU C 106 -2.38 25.92 -10.81
N ASP C 107 -2.06 25.83 -12.09
CA ASP C 107 -3.08 26.02 -13.13
C ASP C 107 -4.02 24.86 -13.28
N ARG C 108 -3.48 23.65 -13.22
CA ARG C 108 -4.25 22.45 -13.54
C ARG C 108 -4.78 21.71 -12.33
N CYS C 109 -4.18 21.90 -11.15
CA CYS C 109 -4.66 21.18 -9.97
C CYS C 109 -5.31 22.14 -8.95
N LEU C 110 -4.71 23.28 -8.66
CA LEU C 110 -5.16 24.08 -7.52
C LEU C 110 -6.16 25.15 -7.88
N ASN C 111 -6.05 25.78 -9.05
CA ASN C 111 -6.94 26.91 -9.37
CA ASN C 111 -6.96 26.90 -9.45
C ASN C 111 -8.38 26.38 -9.58
N GLY C 112 -9.28 26.82 -8.71
CA GLY C 112 -10.66 26.36 -8.73
C GLY C 112 -10.95 25.20 -7.78
N LEU C 113 -9.91 24.62 -7.16
CA LEU C 113 -10.12 23.42 -6.38
C LEU C 113 -10.92 23.68 -5.11
N LYS C 114 -10.55 24.72 -4.38
CA LYS C 114 -11.29 25.05 -3.15
C LYS C 114 -12.77 25.30 -3.43
N GLU C 115 -13.08 25.99 -4.53
CA GLU C 115 -14.48 26.24 -4.88
CA GLU C 115 -14.46 26.24 -4.88
C GLU C 115 -15.23 24.93 -5.09
N THR C 116 -14.61 23.99 -5.78
CA THR C 116 -15.22 22.68 -5.99
C THR C 116 -15.44 21.95 -4.68
N TYR C 117 -14.41 21.92 -3.81
CA TYR C 117 -14.58 21.25 -2.53
C TYR C 117 -15.63 21.92 -1.64
N SER C 118 -15.72 23.26 -1.69
CA SER C 118 -16.75 23.95 -0.94
C SER C 118 -18.13 23.55 -1.39
N SER C 119 -18.33 23.48 -2.68
CA SER C 119 -19.68 23.08 -3.19
C SER C 119 -20.03 21.66 -2.84
N LEU C 120 -19.05 20.76 -2.93
CA LEU C 120 -19.29 19.36 -2.61
C LEU C 120 -19.46 19.10 -1.13
N GLY C 121 -18.92 19.98 -0.29
CA GLY C 121 -18.81 19.71 1.14
C GLY C 121 -17.65 18.82 1.56
N VAL C 122 -16.60 18.78 0.76
CA VAL C 122 -15.42 18.00 1.15
C VAL C 122 -14.70 18.76 2.29
N PRO C 123 -14.53 18.16 3.48
CA PRO C 123 -14.09 18.94 4.65
C PRO C 123 -12.65 19.40 4.53
N ALA C 124 -12.44 20.71 4.65
CA ALA C 124 -11.11 21.29 4.42
C ALA C 124 -10.10 20.91 5.52
N ASN C 125 -10.53 20.84 6.77
CA ASN C 125 -9.58 20.49 7.82
C ASN C 125 -9.05 19.06 7.64
N SER C 126 -9.92 18.13 7.31
CA SER C 126 -9.53 16.77 7.04
C SER C 126 -8.61 16.66 5.83
N ASN C 127 -8.99 17.37 4.74
CA ASN C 127 -8.19 17.39 3.55
C ASN C 127 -6.79 17.93 3.84
N ALA C 128 -6.73 19.01 4.61
CA ALA C 128 -5.42 19.59 5.00
C ALA C 128 -4.59 18.53 5.72
N ARG C 129 -5.19 17.71 6.56
CA ARG C 129 -4.43 16.68 7.27
C ARG C 129 -3.93 15.60 6.33
N ALA C 130 -4.75 15.15 5.38
CA ALA C 130 -4.25 14.18 4.39
C ALA C 130 -3.02 14.77 3.69
N VAL C 131 -3.11 16.03 3.29
CA VAL C 131 -1.99 16.68 2.58
C VAL C 131 -0.76 16.76 3.48
N SER C 132 -0.94 17.11 4.76
CA SER C 132 0.20 17.26 5.64
CA SER C 132 0.17 17.25 5.68
C SER C 132 0.86 15.91 5.93
N ILE C 133 0.10 14.79 6.02
CA ILE C 133 0.72 13.50 6.17
C ILE C 133 1.50 13.18 4.89
N MET C 134 0.91 13.42 3.71
CA MET C 134 1.68 13.18 2.47
C MET C 134 2.98 13.99 2.43
N LYS C 135 2.94 15.24 2.89
CA LYS C 135 4.13 16.08 2.94
C LYS C 135 5.22 15.42 3.78
N ALA C 136 4.83 14.98 4.98
CA ALA C 136 5.82 14.34 5.87
C ALA C 136 6.42 13.09 5.17
N CYS C 137 5.54 12.33 4.51
CA CYS C 137 6.06 11.14 3.81
C CYS C 137 7.09 11.54 2.76
N ALA C 138 6.73 12.52 1.94
CA ALA C 138 7.61 12.93 0.83
C ALA C 138 8.95 13.44 1.33
N VAL C 139 8.97 14.25 2.39
CA VAL C 139 10.23 14.77 2.93
C VAL C 139 11.13 13.62 3.32
N ALA C 140 10.59 12.63 4.04
CA ALA C 140 11.40 11.49 4.48
C ALA C 140 11.89 10.70 3.29
N PHE C 141 11.04 10.48 2.27
CA PHE C 141 11.52 9.73 1.09
C PHE C 141 12.62 10.49 0.36
N VAL C 142 12.51 11.82 0.20
CA VAL C 142 13.55 12.60 -0.48
C VAL C 142 14.89 12.47 0.29
N ASN C 143 14.83 12.60 1.62
CA ASN C 143 16.02 12.47 2.44
C ASN C 143 16.45 11.02 2.72
N ASN C 144 15.71 10.05 2.22
CA ASN C 144 15.94 8.63 2.41
C ASN C 144 16.00 8.24 3.87
N THR C 145 15.03 8.75 4.63
CA THR C 145 14.86 8.40 6.07
C THR C 145 13.53 7.76 6.36
N ALA C 146 12.77 7.36 5.35
CA ALA C 146 11.57 6.56 5.59
C ALA C 146 11.98 5.16 6.06
N SER C 147 11.00 4.41 6.57
CA SER C 147 11.30 3.09 7.07
C SER C 147 11.78 2.18 5.94
N GLN C 148 11.21 2.33 4.74
CA GLN C 148 11.70 1.67 3.51
C GLN C 148 12.65 2.61 2.82
N LYS C 149 13.89 2.19 2.74
CA LYS C 149 14.98 2.99 2.17
C LYS C 149 15.52 2.47 0.86
N LYS C 150 15.99 3.37 0.02
CA LYS C 150 16.66 2.97 -1.18
C LYS C 150 18.10 2.68 -0.79
N LEU C 151 18.57 1.53 -1.23
CA LEU C 151 19.85 1.03 -0.74
C LEU C 151 21.03 1.78 -1.28
N SER C 152 21.00 1.99 -2.56
CA SER C 152 22.30 2.35 -3.19
CA SER C 152 22.13 2.28 -3.45
C SER C 152 22.41 3.77 -3.76
N THR C 153 21.58 4.69 -3.31
CA THR C 153 21.74 6.07 -3.73
C THR C 153 23.14 6.61 -3.27
N PRO C 154 23.94 7.30 -4.09
CA PRO C 154 25.18 7.95 -3.61
C PRO C 154 24.89 8.93 -2.49
N GLN C 155 25.68 8.91 -1.44
CA GLN C 155 25.36 9.75 -0.31
CA GLN C 155 25.50 9.77 -0.28
C GLN C 155 25.65 11.23 -0.60
N GLY C 156 24.73 12.07 -0.12
CA GLY C 156 24.91 13.51 -0.21
C GLY C 156 23.67 14.16 0.37
N ASP C 157 23.64 15.47 0.34
CA ASP C 157 22.61 16.20 1.03
C ASP C 157 21.52 16.63 0.02
N CYS C 158 20.29 16.23 0.24
CA CYS C 158 19.15 16.61 -0.60
C CYS C 158 18.19 17.50 0.14
N SER C 159 18.64 18.15 1.20
CA SER C 159 17.76 19.01 2.00
C SER C 159 17.15 20.16 1.15
N GLY C 160 17.84 20.65 0.12
CA GLY C 160 17.28 21.68 -0.76
C GLY C 160 16.08 21.17 -1.54
N LEU C 161 16.23 20.01 -2.14
CA LEU C 161 15.12 19.37 -2.84
C LEU C 161 13.97 19.04 -1.86
N ALA C 162 14.31 18.64 -0.64
CA ALA C 162 13.27 18.34 0.35
C ALA C 162 12.51 19.62 0.70
N SER C 163 13.22 20.75 0.81
CA SER C 163 12.55 22.03 1.07
C SER C 163 11.67 22.40 -0.10
N GLU C 164 12.17 22.18 -1.31
CA GLU C 164 11.42 22.51 -2.53
C GLU C 164 10.12 21.72 -2.58
N VAL C 165 10.17 20.41 -2.36
CA VAL C 165 8.92 19.63 -2.41
C VAL C 165 7.99 20.06 -1.30
N GLY C 166 8.54 20.37 -0.11
CA GLY C 166 7.71 20.85 0.96
C GLY C 166 6.94 22.10 0.56
N GLY C 167 7.58 22.99 -0.18
CA GLY C 167 6.89 24.21 -0.66
C GLY C 167 5.75 23.92 -1.61
N TYR C 168 5.90 22.88 -2.44
CA TYR C 168 4.77 22.50 -3.30
C TYR C 168 3.60 22.00 -2.48
N PHE C 169 3.86 21.15 -1.47
CA PHE C 169 2.78 20.76 -0.57
C PHE C 169 2.12 21.95 0.09
N ASP C 170 2.93 22.93 0.50
CA ASP C 170 2.37 24.11 1.14
C ASP C 170 1.49 24.91 0.20
N LYS C 171 1.78 24.93 -1.09
CA LYS C 171 0.86 25.56 -2.05
C LYS C 171 -0.48 24.84 -2.04
N VAL C 172 -0.47 23.50 -1.99
CA VAL C 172 -1.72 22.75 -1.91
C VAL C 172 -2.47 23.14 -0.67
N THR C 173 -1.81 23.11 0.49
CA THR C 173 -2.46 23.46 1.76
C THR C 173 -3.07 24.85 1.69
N ALA C 174 -2.33 25.84 1.18
CA ALA C 174 -2.84 27.20 1.12
C ALA C 174 -4.06 27.29 0.23
N ALA C 175 -4.06 26.55 -0.87
CA ALA C 175 -5.16 26.65 -1.84
C ALA C 175 -6.44 26.04 -1.28
N ILE C 176 -6.39 24.96 -0.50
CA ILE C 176 -7.60 24.25 -0.08
C ILE C 176 -8.03 24.48 1.35
N SER C 177 -7.22 25.12 2.17
CA SER C 177 -7.54 25.09 3.65
C SER C 177 -8.70 25.99 3.93
N MET D 1 -9.74 -25.50 17.41
CA MET D 1 -10.71 -24.94 16.43
C MET D 1 -11.55 -23.84 17.03
N LEU D 2 -11.78 -22.79 16.24
CA LEU D 2 -12.65 -21.71 16.65
C LEU D 2 -14.08 -21.98 16.08
N ASP D 3 -14.97 -22.53 16.90
CA ASP D 3 -16.28 -23.00 16.41
C ASP D 3 -17.13 -21.89 15.74
N ALA D 4 -17.01 -20.65 16.21
CA ALA D 4 -17.76 -19.56 15.63
C ALA D 4 -17.42 -19.36 14.15
N PHE D 5 -16.23 -19.77 13.78
CA PHE D 5 -15.73 -19.57 12.44
C PHE D 5 -15.74 -20.83 11.58
N SER D 6 -16.41 -21.87 12.05
CA SER D 6 -16.39 -23.13 11.31
C SER D 6 -16.89 -22.99 9.89
N ARG D 7 -17.97 -22.24 9.67
CA ARG D 7 -18.50 -22.07 8.30
C ARG D 7 -17.63 -21.14 7.45
N VAL D 8 -16.98 -20.17 8.11
CA VAL D 8 -16.05 -19.34 7.42
C VAL D 8 -14.91 -20.22 6.83
N VAL D 9 -14.35 -21.08 7.66
CA VAL D 9 -13.15 -21.79 7.24
C VAL D 9 -13.47 -22.87 6.21
N THR D 10 -14.69 -23.37 6.16
CA THR D 10 -15.00 -24.37 5.17
C THR D 10 -15.58 -23.72 3.93
N ASN D 11 -15.60 -22.39 3.89
CA ASN D 11 -16.27 -21.68 2.78
C ASN D 11 -17.72 -22.14 2.59
N ALA D 12 -18.37 -22.53 3.68
CA ALA D 12 -19.73 -23.07 3.59
C ALA D 12 -20.74 -21.99 3.19
N ASP D 13 -20.46 -20.77 3.60
CA ASP D 13 -21.30 -19.65 3.31
C ASP D 13 -20.43 -18.39 3.33
N SER D 14 -21.01 -17.27 2.93
CA SER D 14 -20.35 -15.98 2.93
C SER D 14 -20.78 -15.08 4.08
N LYS D 15 -21.45 -15.66 5.08
CA LYS D 15 -21.93 -14.86 6.21
C LYS D 15 -20.81 -14.48 7.13
N ALA D 16 -20.81 -13.23 7.55
CA ALA D 16 -19.84 -12.78 8.57
C ALA D 16 -20.18 -13.45 9.91
N ALA D 17 -19.13 -13.77 10.66
CA ALA D 17 -19.21 -14.29 12.00
C ALA D 17 -18.54 -13.33 12.96
N TYR D 18 -19.16 -13.18 14.14
CA TYR D 18 -18.79 -12.15 15.09
C TYR D 18 -18.46 -12.77 16.46
N VAL D 19 -17.34 -12.38 17.04
CA VAL D 19 -16.95 -12.83 18.38
C VAL D 19 -16.62 -11.59 19.19
N GLY D 20 -17.55 -11.19 20.04
CA GLY D 20 -17.42 -10.04 20.94
C GLY D 20 -17.80 -10.42 22.34
N GLY D 21 -17.75 -9.45 23.24
CA GLY D 21 -18.36 -9.65 24.56
C GLY D 21 -17.84 -10.91 25.26
N ALA D 22 -18.76 -11.65 25.89
CA ALA D 22 -18.36 -12.84 26.64
C ALA D 22 -17.69 -13.87 25.73
N ASP D 23 -18.13 -13.98 24.49
CA ASP D 23 -17.51 -14.94 23.57
C ASP D 23 -16.04 -14.57 23.33
N LEU D 24 -15.76 -13.27 23.23
CA LEU D 24 -14.40 -12.77 23.07
C LEU D 24 -13.56 -12.97 24.35
N GLN D 25 -14.15 -12.70 25.51
CA GLN D 25 -13.50 -12.96 26.78
C GLN D 25 -13.02 -14.41 26.84
N ALA D 26 -13.92 -15.32 26.45
CA ALA D 26 -13.59 -16.75 26.45
C ALA D 26 -12.58 -17.10 25.36
N LEU D 27 -12.71 -16.51 24.18
CA LEU D 27 -11.77 -16.77 23.10
C LEU D 27 -10.36 -16.46 23.54
N LYS D 28 -10.14 -15.36 24.23
CA LYS D 28 -8.79 -14.96 24.61
C LYS D 28 -8.14 -15.87 25.64
N LYS D 29 -8.95 -16.61 26.40
CA LYS D 29 -8.44 -17.68 27.30
C LYS D 29 -8.39 -19.08 26.63
N PHE D 30 -9.05 -19.27 25.50
CA PHE D 30 -8.91 -20.50 24.72
C PHE D 30 -7.60 -20.51 23.95
N ILE D 31 -7.29 -19.40 23.28
CA ILE D 31 -6.07 -19.22 22.56
C ILE D 31 -5.07 -18.65 23.77
N SER D 32 -3.82 -18.72 23.45
CA SER D 32 -2.88 -18.18 24.37
C SER D 32 -2.57 -16.73 24.01
N GLU D 33 -1.95 -16.01 24.95
CA GLU D 33 -1.47 -14.66 24.70
C GLU D 33 -2.56 -13.81 24.02
N GLY D 34 -3.79 -13.92 24.54
CA GLY D 34 -4.94 -13.48 23.75
C GLY D 34 -4.89 -12.04 23.26
N ASN D 35 -4.73 -11.05 24.16
CA ASN D 35 -4.74 -9.67 23.70
C ASN D 35 -3.62 -9.42 22.70
N LYS D 36 -2.39 -9.87 23.04
CA LYS D 36 -1.25 -9.63 22.16
CA LYS D 36 -1.24 -9.63 22.16
C LYS D 36 -1.46 -10.32 20.81
N ARG D 37 -2.03 -11.50 20.85
CA ARG D 37 -2.28 -12.26 19.62
C ARG D 37 -3.25 -11.47 18.70
N LEU D 38 -4.31 -10.92 19.29
CA LEU D 38 -5.27 -10.15 18.48
C LEU D 38 -4.62 -8.86 17.97
N ASP D 39 -3.80 -8.19 18.80
CA ASP D 39 -3.06 -7.03 18.30
C ASP D 39 -2.11 -7.44 17.13
N SER D 40 -1.50 -8.61 17.24
CA SER D 40 -0.54 -9.02 16.22
CA SER D 40 -0.57 -9.11 16.21
C SER D 40 -1.29 -9.24 14.87
N VAL D 41 -2.41 -9.97 14.93
CA VAL D 41 -3.24 -10.17 13.73
C VAL D 41 -3.65 -8.81 13.14
N ASN D 42 -4.11 -7.92 14.01
CA ASN D 42 -4.59 -6.60 13.53
C ASN D 42 -3.49 -5.87 12.77
N SER D 43 -2.27 -5.90 13.30
CA SER D 43 -1.16 -5.14 12.68
C SER D 43 -0.75 -5.73 11.33
N ILE D 44 -0.99 -7.00 11.12
CA ILE D 44 -0.68 -7.64 9.82
C ILE D 44 -1.80 -7.37 8.82
N VAL D 45 -3.05 -7.74 9.19
CA VAL D 45 -4.12 -7.66 8.18
C VAL D 45 -4.44 -6.23 7.83
N SER D 46 -4.28 -5.28 8.77
CA SER D 46 -4.57 -3.89 8.46
C SER D 46 -3.58 -3.28 7.50
N ASN D 47 -2.46 -3.98 7.27
CA ASN D 47 -1.41 -3.56 6.34
C ASN D 47 -1.31 -4.51 5.14
N ALA D 48 -2.39 -5.30 4.88
CA ALA D 48 -2.27 -6.38 3.90
C ALA D 48 -1.92 -5.89 2.52
N SER D 49 -2.59 -4.81 2.04
CA SER D 49 -2.31 -4.36 0.68
C SER D 49 -0.84 -4.02 0.51
N CYS D 50 -0.26 -3.31 1.50
CA CYS D 50 1.13 -2.87 1.38
C CYS D 50 2.09 -4.08 1.51
N ILE D 51 1.78 -5.00 2.43
CA ILE D 51 2.64 -6.17 2.59
C ILE D 51 2.74 -6.95 1.27
N VAL D 52 1.56 -7.19 0.65
CA VAL D 52 1.52 -7.97 -0.58
C VAL D 52 2.22 -7.21 -1.72
N SER D 53 1.89 -5.93 -1.89
CA SER D 53 2.51 -5.21 -2.99
CA SER D 53 2.48 -5.17 -2.98
C SER D 53 4.00 -5.08 -2.80
N ASP D 54 4.48 -4.83 -1.59
CA ASP D 54 5.91 -4.71 -1.37
C ASP D 54 6.62 -6.04 -1.61
N ALA D 55 5.99 -7.15 -1.21
CA ALA D 55 6.56 -8.47 -1.44
C ALA D 55 6.66 -8.80 -2.94
N VAL D 56 5.58 -8.53 -3.67
CA VAL D 56 5.57 -8.82 -5.10
C VAL D 56 6.54 -7.88 -5.84
N SER D 57 6.52 -6.58 -5.51
CA SER D 57 7.41 -5.70 -6.19
CA SER D 57 7.44 -5.61 -6.09
C SER D 57 8.89 -5.98 -5.80
N GLY D 58 9.16 -6.49 -4.59
CA GLY D 58 10.51 -6.87 -4.20
C GLY D 58 10.99 -8.14 -4.91
N MET D 59 10.09 -9.13 -4.98
CA MET D 59 10.36 -10.30 -5.78
C MET D 59 10.77 -9.89 -7.19
N ILE D 60 10.04 -8.94 -7.77
CA ILE D 60 10.30 -8.46 -9.13
C ILE D 60 11.58 -7.62 -9.22
N CYS D 61 11.83 -6.72 -8.25
CA CYS D 61 13.07 -5.92 -8.42
C CYS D 61 14.30 -6.83 -8.29
N GLU D 62 14.18 -7.91 -7.52
CA GLU D 62 15.30 -8.87 -7.44
C GLU D 62 15.41 -9.71 -8.70
N ASN D 63 14.31 -9.96 -9.42
CA ASN D 63 14.29 -10.75 -10.63
C ASN D 63 13.36 -10.10 -11.68
N PRO D 64 13.86 -9.08 -12.37
CA PRO D 64 13.01 -8.30 -13.29
C PRO D 64 12.39 -9.10 -14.41
N SER D 65 12.97 -10.24 -14.78
CA SER D 65 12.41 -11.06 -15.84
C SER D 65 10.99 -11.50 -15.54
N LEU D 66 10.56 -11.45 -14.28
CA LEU D 66 9.16 -11.79 -13.95
C LEU D 66 8.14 -10.93 -14.66
N ILE D 67 8.48 -9.69 -15.05
CA ILE D 67 7.59 -8.83 -15.81
C ILE D 67 8.09 -8.53 -17.21
N SER D 68 9.11 -9.28 -17.68
CA SER D 68 9.40 -9.33 -19.08
C SER D 68 8.24 -10.04 -19.80
N PRO D 69 8.19 -9.97 -21.15
CA PRO D 69 7.05 -10.59 -21.86
C PRO D 69 6.95 -12.09 -21.67
N SER D 70 8.00 -12.76 -21.18
CA SER D 70 8.02 -14.19 -20.93
C SER D 70 7.85 -14.55 -19.45
N GLY D 71 7.74 -13.56 -18.58
CA GLY D 71 7.70 -13.78 -17.14
C GLY D 71 6.31 -13.99 -16.61
N MEN D 72 6.22 -14.66 -15.44
CA MEN D 72 4.92 -15.13 -14.95
C MEN D 72 4.08 -14.03 -14.31
O MEN D 72 2.94 -14.34 -13.95
CB MEN D 72 5.16 -16.30 -14.00
CG MEN D 72 3.91 -17.13 -13.74
OD1 MEN D 72 3.49 -17.33 -12.60
ND2 MEN D 72 3.31 -17.65 -14.82
CE2 MEN D 72 2.10 -18.52 -14.66
N CYS D 73 4.58 -12.81 -14.16
CA CYS D 73 3.76 -11.67 -13.76
C CYS D 73 3.46 -10.72 -14.93
N TYR D 74 3.80 -11.10 -16.16
CA TYR D 74 3.55 -10.27 -17.33
C TYR D 74 2.05 -10.25 -17.61
N THR D 75 1.53 -9.09 -17.96
CA THR D 75 0.14 -8.73 -18.16
C THR D 75 -0.54 -8.42 -16.83
N ASN D 76 -1.52 -7.51 -16.89
CA ASN D 76 -2.32 -7.19 -15.70
C ASN D 76 -2.98 -8.43 -15.13
N ARG D 77 -3.43 -9.36 -15.99
CA ARG D 77 -4.08 -10.56 -15.52
C ARG D 77 -3.14 -11.35 -14.61
N ARG D 78 -1.94 -11.61 -15.06
CA ARG D 78 -1.01 -12.44 -14.26
C ARG D 78 -0.57 -11.70 -13.00
N MET D 79 -0.24 -10.42 -13.11
CA MET D 79 0.12 -9.63 -11.94
C MET D 79 -1.01 -9.69 -10.90
N ALA D 80 -2.25 -9.46 -11.33
CA ALA D 80 -3.35 -9.50 -10.38
C ALA D 80 -3.50 -10.87 -9.73
N ALA D 81 -3.33 -11.94 -10.50
CA ALA D 81 -3.43 -13.29 -9.90
C ALA D 81 -2.32 -13.50 -8.85
N CYS D 82 -1.11 -12.98 -9.14
CA CYS D 82 0.00 -13.13 -8.19
C CYS D 82 -0.25 -12.33 -6.92
N LEU D 83 -0.65 -11.08 -7.05
CA LEU D 83 -1.03 -10.27 -5.89
C LEU D 83 -2.19 -10.94 -5.11
N ARG D 84 -3.16 -11.47 -5.83
CA ARG D 84 -4.28 -12.17 -5.18
C ARG D 84 -3.74 -13.35 -4.37
N ASP D 85 -2.89 -14.19 -4.98
CA ASP D 85 -2.36 -15.35 -4.24
C ASP D 85 -1.55 -14.93 -3.02
N GLY D 86 -0.76 -13.86 -3.16
CA GLY D 86 -0.02 -13.37 -2.00
C GLY D 86 -0.97 -13.03 -0.85
N GLU D 87 -2.06 -12.35 -1.18
CA GLU D 87 -3.06 -11.99 -0.19
C GLU D 87 -3.75 -13.24 0.38
N ILE D 88 -4.14 -14.20 -0.47
CA ILE D 88 -4.76 -15.43 0.05
C ILE D 88 -3.84 -16.10 1.07
N ILE D 89 -2.56 -16.26 0.70
CA ILE D 89 -1.58 -16.85 1.59
C ILE D 89 -1.45 -16.05 2.89
N LEU D 90 -1.32 -14.74 2.77
CA LEU D 90 -1.18 -13.90 3.95
C LEU D 90 -2.40 -14.07 4.86
N ARG D 91 -3.58 -14.13 4.26
CA ARG D 91 -4.80 -14.24 5.07
C ARG D 91 -4.90 -15.60 5.75
N TYR D 92 -4.53 -16.68 5.08
CA TYR D 92 -4.52 -17.96 5.77
C TYR D 92 -3.48 -17.96 6.91
N VAL D 93 -2.30 -17.37 6.69
CA VAL D 93 -1.33 -17.21 7.77
C VAL D 93 -1.97 -16.39 8.92
N SER D 94 -2.72 -15.33 8.59
CA SER D 94 -3.32 -14.51 9.64
C SER D 94 -4.34 -15.33 10.46
N TYR D 95 -5.04 -16.27 9.81
CA TYR D 95 -5.99 -17.13 10.51
C TYR D 95 -5.26 -18.14 11.39
N ALA D 96 -4.12 -18.65 10.91
CA ALA D 96 -3.28 -19.51 11.79
C ALA D 96 -2.85 -18.71 13.03
N LEU D 97 -2.50 -17.44 12.88
CA LEU D 97 -2.11 -16.66 14.03
C LEU D 97 -3.29 -16.33 14.95
N LEU D 98 -4.44 -16.03 14.38
CA LEU D 98 -5.65 -15.77 15.19
C LEU D 98 -6.01 -17.00 16.07
N SER D 99 -5.95 -18.17 15.44
CA SER D 99 -6.41 -19.40 16.09
C SER D 99 -5.30 -20.09 16.87
N GLY D 100 -4.03 -19.75 16.61
CA GLY D 100 -2.91 -20.45 17.18
C GLY D 100 -2.72 -21.84 16.64
N ASP D 101 -3.15 -22.10 15.42
CA ASP D 101 -3.15 -23.44 14.90
C ASP D 101 -2.94 -23.34 13.38
N ALA D 102 -2.00 -24.11 12.83
CA ALA D 102 -1.72 -24.07 11.40
C ALA D 102 -2.67 -24.93 10.58
N SER D 103 -3.63 -25.66 11.20
CA SER D 103 -4.41 -26.63 10.48
C SER D 103 -5.16 -26.08 9.26
N VAL D 104 -5.88 -24.97 9.43
CA VAL D 104 -6.67 -24.45 8.34
C VAL D 104 -5.75 -23.98 7.20
N LEU D 105 -4.65 -23.34 7.53
CA LEU D 105 -3.64 -22.97 6.54
C LEU D 105 -3.17 -24.19 5.76
N GLU D 106 -2.77 -25.23 6.49
CA GLU D 106 -2.27 -26.44 5.84
C GLU D 106 -3.33 -27.10 4.95
N ASP D 107 -4.56 -27.20 5.46
CA ASP D 107 -5.57 -28.03 4.86
C ASP D 107 -6.31 -27.31 3.73
N ARG D 108 -6.57 -26.00 3.87
CA ARG D 108 -7.37 -25.26 2.91
C ARG D 108 -6.59 -24.33 2.01
N CYS D 109 -5.31 -24.14 2.29
CA CYS D 109 -4.47 -23.31 1.44
C CYS D 109 -3.31 -24.09 0.84
N LEU D 110 -2.57 -24.85 1.65
CA LEU D 110 -1.32 -25.46 1.19
C LEU D 110 -1.51 -26.85 0.54
N ASN D 111 -2.50 -27.61 0.97
CA ASN D 111 -2.68 -28.97 0.45
C ASN D 111 -3.08 -28.91 -1.03
N GLY D 112 -2.20 -29.40 -1.89
CA GLY D 112 -2.42 -29.39 -3.31
C GLY D 112 -1.85 -28.15 -4.03
N LEU D 113 -1.33 -27.18 -3.28
CA LEU D 113 -0.95 -25.92 -3.92
C LEU D 113 0.30 -26.06 -4.82
N LYS D 114 1.31 -26.76 -4.34
CA LYS D 114 2.51 -26.95 -5.14
C LYS D 114 2.18 -27.59 -6.49
N GLU D 115 1.32 -28.59 -6.47
CA GLU D 115 1.03 -29.30 -7.71
CA GLU D 115 0.86 -29.33 -7.67
C GLU D 115 0.27 -28.37 -8.68
N THR D 116 -0.60 -27.47 -8.18
CA THR D 116 -1.21 -26.46 -9.05
C THR D 116 -0.16 -25.54 -9.66
N TYR D 117 0.76 -25.04 -8.81
CA TYR D 117 1.82 -24.17 -9.31
C TYR D 117 2.73 -24.85 -10.33
N SER D 118 3.02 -26.13 -10.10
CA SER D 118 3.82 -26.87 -11.04
C SER D 118 3.12 -26.96 -12.42
N SER D 119 1.83 -27.27 -12.40
CA SER D 119 1.10 -27.41 -13.66
CA SER D 119 1.04 -27.39 -13.64
C SER D 119 1.06 -26.08 -14.43
N LEU D 120 0.97 -24.96 -13.71
CA LEU D 120 0.92 -23.63 -14.34
C LEU D 120 2.26 -23.02 -14.68
N GLY D 121 3.32 -23.56 -14.16
CA GLY D 121 4.61 -22.90 -14.34
C GLY D 121 4.80 -21.67 -13.52
N VAL D 122 4.16 -21.59 -12.36
CA VAL D 122 4.39 -20.47 -11.41
C VAL D 122 5.74 -20.72 -10.75
N PRO D 123 6.72 -19.82 -10.92
CA PRO D 123 8.09 -20.17 -10.52
C PRO D 123 8.24 -20.26 -9.00
N ALA D 124 8.69 -21.40 -8.52
CA ALA D 124 8.77 -21.64 -7.06
C ALA D 124 9.81 -20.81 -6.37
N ASN D 125 10.95 -20.57 -7.03
CA ASN D 125 11.99 -19.74 -6.40
C ASN D 125 11.48 -18.30 -6.18
N SER D 126 10.78 -17.76 -7.16
CA SER D 126 10.22 -16.41 -7.08
C SER D 126 9.10 -16.38 -6.01
N ASN D 127 8.25 -17.41 -6.01
CA ASN D 127 7.18 -17.48 -5.04
C ASN D 127 7.77 -17.54 -3.63
N ALA D 128 8.84 -18.32 -3.44
CA ALA D 128 9.45 -18.38 -2.12
C ALA D 128 9.94 -16.99 -1.72
N ARG D 129 10.48 -16.19 -2.61
CA ARG D 129 10.92 -14.84 -2.24
C ARG D 129 9.74 -13.95 -1.87
N ALA D 130 8.64 -13.99 -2.62
CA ALA D 130 7.46 -13.23 -2.20
C ALA D 130 7.06 -13.62 -0.76
N VAL D 131 7.02 -14.91 -0.48
CA VAL D 131 6.64 -15.37 0.86
C VAL D 131 7.65 -14.88 1.91
N SER D 132 8.94 -14.93 1.61
CA SER D 132 10.01 -14.50 2.52
CA SER D 132 9.93 -14.53 2.62
C SER D 132 9.86 -13.00 2.85
N ILE D 133 9.51 -12.20 1.84
CA ILE D 133 9.31 -10.77 2.11
C ILE D 133 8.06 -10.56 2.95
N MET D 134 6.96 -11.24 2.62
CA MET D 134 5.78 -11.13 3.48
C MET D 134 6.07 -11.50 4.93
N LYS D 135 6.83 -12.57 5.13
CA LYS D 135 7.23 -12.99 6.46
C LYS D 135 7.99 -11.88 7.19
N ALA D 136 8.99 -11.28 6.52
CA ALA D 136 9.75 -10.21 7.12
C ALA D 136 8.86 -9.03 7.50
N CYS D 137 7.88 -8.71 6.65
CA CYS D 137 6.94 -7.63 6.96
C CYS D 137 6.18 -7.94 8.26
N ALA D 138 5.62 -9.18 8.32
CA ALA D 138 4.79 -9.56 9.48
C ALA D 138 5.61 -9.54 10.75
N VAL D 139 6.82 -10.07 10.73
CA VAL D 139 7.72 -10.11 11.91
CA VAL D 139 7.59 -10.11 11.96
C VAL D 139 7.94 -8.69 12.41
N ALA D 140 8.19 -7.76 11.49
CA ALA D 140 8.48 -6.35 11.84
C ALA D 140 7.26 -5.66 12.45
N PHE D 141 6.06 -5.95 11.93
CA PHE D 141 4.84 -5.36 12.49
C PHE D 141 4.56 -5.89 13.88
N VAL D 142 4.76 -7.17 14.09
CA VAL D 142 4.47 -7.84 15.38
C VAL D 142 5.54 -7.44 16.42
N ASN D 143 6.81 -7.74 16.14
CA ASN D 143 7.90 -7.39 17.04
C ASN D 143 8.46 -6.02 16.64
N ASN D 144 7.69 -4.98 16.91
CA ASN D 144 8.04 -3.61 16.54
C ASN D 144 8.64 -2.92 17.74
N THR D 145 9.94 -2.66 17.68
CA THR D 145 10.73 -2.12 18.79
C THR D 145 10.87 -0.61 18.76
N ALA D 146 10.01 0.11 18.03
CA ALA D 146 9.99 1.56 18.12
C ALA D 146 9.48 2.01 19.48
N SER D 147 9.60 3.31 19.76
CA SER D 147 9.12 3.84 21.03
C SER D 147 7.60 3.81 21.10
N GLN D 148 7.11 3.91 22.35
CA GLN D 148 5.66 3.94 22.60
C GLN D 148 4.91 4.90 21.70
N LYS D 149 5.44 6.10 21.47
CA LYS D 149 4.84 7.15 20.63
CA LYS D 149 4.66 7.04 20.70
C LYS D 149 4.43 6.60 19.27
N LYS D 150 5.19 5.66 18.74
CA LYS D 150 5.02 5.14 17.38
C LYS D 150 4.21 3.87 17.31
N LEU D 151 3.83 3.27 18.44
CA LEU D 151 3.11 2.00 18.49
C LEU D 151 1.63 2.26 18.71
N SER D 152 0.78 1.42 18.09
CA SER D 152 -0.64 1.49 18.36
C SER D 152 -1.06 0.73 19.61
N THR D 153 -0.12 0.03 20.23
CA THR D 153 -0.36 -0.85 21.37
C THR D 153 0.50 -0.42 22.54
N PRO D 154 0.12 -0.86 23.77
CA PRO D 154 0.99 -0.62 24.91
C PRO D 154 2.30 -1.34 24.70
N GLN D 155 3.44 -0.70 24.97
CA GLN D 155 4.73 -1.30 24.66
CA GLN D 155 4.73 -1.29 24.65
C GLN D 155 4.93 -2.56 25.47
N GLY D 156 5.51 -3.57 24.84
CA GLY D 156 5.89 -4.82 25.48
C GLY D 156 6.54 -5.72 24.45
N ASP D 157 6.88 -6.92 24.88
CA ASP D 157 7.68 -7.81 24.04
C ASP D 157 6.78 -8.83 23.34
N CYS D 158 6.61 -8.69 22.03
CA CYS D 158 5.82 -9.60 21.20
C CYS D 158 6.71 -10.48 20.34
N SER D 159 7.97 -10.68 20.77
CA SER D 159 8.89 -11.52 20.01
C SER D 159 8.39 -12.97 19.88
N GLY D 160 7.69 -13.50 20.89
CA GLY D 160 7.22 -14.85 20.83
C GLY D 160 6.18 -15.02 19.69
N LEU D 161 5.22 -14.12 19.62
CA LEU D 161 4.21 -14.15 18.57
C LEU D 161 4.84 -13.90 17.18
N ALA D 162 5.89 -13.07 17.13
CA ALA D 162 6.57 -12.89 15.85
C ALA D 162 7.24 -14.20 15.40
N SER D 163 7.86 -14.91 16.33
CA SER D 163 8.46 -16.22 15.99
CA SER D 163 8.44 -16.22 15.99
C SER D 163 7.35 -17.19 15.53
N GLU D 164 6.21 -17.16 16.21
CA GLU D 164 5.10 -18.05 15.86
C GLU D 164 4.60 -17.78 14.42
N VAL D 165 4.38 -16.50 14.09
CA VAL D 165 3.91 -16.18 12.76
C VAL D 165 4.97 -16.55 11.72
N GLY D 166 6.24 -16.35 12.07
CA GLY D 166 7.34 -16.78 11.18
C GLY D 166 7.23 -18.25 10.85
N GLY D 167 6.94 -19.08 11.87
CA GLY D 167 6.79 -20.52 11.64
C GLY D 167 5.68 -20.86 10.67
N TYR D 168 4.57 -20.11 10.71
CA TYR D 168 3.51 -20.32 9.74
C TYR D 168 3.97 -19.98 8.32
N PHE D 169 4.65 -18.86 8.14
CA PHE D 169 5.25 -18.59 6.82
C PHE D 169 6.20 -19.70 6.40
N ASP D 170 6.99 -20.24 7.35
CA ASP D 170 7.91 -21.32 7.00
C ASP D 170 7.15 -22.56 6.50
N LYS D 171 5.98 -22.83 7.04
CA LYS D 171 5.17 -23.93 6.52
C LYS D 171 4.76 -23.67 5.06
N VAL D 172 4.43 -22.41 4.72
CA VAL D 172 4.14 -22.07 3.31
C VAL D 172 5.38 -22.34 2.47
N THR D 173 6.53 -21.81 2.88
CA THR D 173 7.75 -22.00 2.13
C THR D 173 8.05 -23.46 1.89
N ALA D 174 7.91 -24.28 2.93
CA ALA D 174 8.22 -25.71 2.78
C ALA D 174 7.28 -26.37 1.82
N ALA D 175 6.01 -25.98 1.84
CA ALA D 175 5.02 -26.59 0.97
C ALA D 175 5.22 -26.26 -0.51
N ILE D 176 5.63 -25.05 -0.84
CA ILE D 176 5.67 -24.62 -2.25
C ILE D 176 7.05 -24.58 -2.84
N SER D 177 8.10 -24.70 -2.06
CA SER D 177 9.43 -24.46 -2.63
C SER D 177 9.87 -25.61 -3.51
MG MG E . -6.19 0.04 18.32
NA DBV F . 13.35 -6.63 -18.09
C1A DBV F . 14.17 -7.70 -17.79
C2A DBV F . 15.39 -7.16 -17.17
C3A DBV F . 15.28 -5.80 -17.16
C4A DBV F . 13.97 -5.43 -17.72
CMA DBV F . 16.48 -8.05 -16.72
CBA DBV F . 15.85 -3.94 -15.48
OA DBV F . 13.92 -8.89 -18.03
CHA DBV F . 13.41 -4.20 -17.88
CAA DBV F . 16.30 -4.79 -16.70
NB DBV F . 11.90 -2.74 -19.09
C1B DBV F . 12.09 -3.91 -18.38
C2B DBV F . 10.87 -4.62 -18.30
C3B DBV F . 9.95 -3.88 -19.03
C4B DBV F . 10.56 -2.69 -19.54
CHB DBV F . 9.96 -1.68 -20.25
CMB DBV F . 10.54 -5.76 -17.42
CAB DBV F . 8.51 -4.23 -19.27
CBB DBV F . 8.35 -5.35 -20.37
CGB DBV F . 9.06 -4.88 -21.61
O1B DBV F . 8.59 -3.93 -22.27
O2B DBV F . 10.17 -5.45 -21.95
CHC DBV F . 12.63 2.46 -20.50
NC DBV F . 11.53 0.23 -20.29
C1C DBV F . 10.34 -0.40 -20.59
C2C DBV F . 9.51 0.57 -21.24
C3C DBV F . 10.21 1.76 -21.28
C4C DBV F . 11.46 1.54 -20.69
CMC DBV F . 9.72 3.08 -21.83
CAC DBV F . 8.12 0.28 -21.78
CBC DBV F . 7.04 0.22 -20.71
CGC DBV F . 6.52 1.53 -20.20
O1C DBV F . 6.41 2.49 -20.99
O2C DBV F . 6.23 1.58 -18.96
ND DBV F . 13.46 2.43 -22.85
C1D DBV F . 13.80 2.16 -21.45
C2D DBV F . 14.97 3.06 -21.23
C3D DBV F . 15.27 3.73 -22.34
C4D DBV F . 14.28 3.36 -23.40
CMD DBV F . 15.68 3.06 -19.90
CAD DBV F . 16.39 4.69 -22.53
CBD DBV F . 16.81 5.19 -23.68
OD DBV F . 14.25 3.71 -24.58
NA DBV G . -17.62 5.62 14.01
C1A DBV G . -17.47 6.85 14.55
C2A DBV G . -16.63 6.78 15.76
C3A DBV G . -16.33 5.45 15.94
C4A DBV G . -16.93 4.71 14.83
CMA DBV G . -16.23 7.95 16.53
CBA DBV G . -14.26 4.18 16.68
OA DBV G . -17.96 7.89 14.07
CHA DBV G . -16.86 3.36 14.59
CAA DBV G . -15.56 4.85 17.09
NB DBV G . -17.82 1.37 13.56
C1B DBV G . -17.40 2.68 13.44
C2B DBV G . -17.56 3.09 12.08
C3B DBV G . -18.19 2.04 11.43
C4B DBV G . -18.36 0.95 12.34
CHB DBV G . -18.81 -0.32 12.02
CMB DBV G . -17.01 4.30 11.42
CAB DBV G . -18.63 2.03 10.00
CBB DBV G . -19.96 2.79 9.78
CGB DBV G . -21.03 2.24 10.69
O1B DBV G . -21.52 1.12 10.44
O2B DBV G . -21.36 2.93 11.73
CHC DBV G . -17.71 -3.71 15.43
NC DBV G . -18.20 -1.82 13.93
C1C DBV G . -18.74 -1.56 12.65
C2C DBV G . -19.15 -2.83 12.11
C3C DBV G . -18.80 -3.80 13.04
C4C DBV G . -18.26 -3.16 14.15
CMC DBV G . -18.97 -5.29 12.90
CAC DBV G . -19.76 -3.00 10.76
CBC DBV G . -18.79 -2.92 9.58
CGC DBV G . -17.88 -4.05 9.25
O1C DBV G . -18.28 -5.21 9.54
O2C DBV G . -16.76 -3.85 8.69
ND DBV G . -19.88 -4.12 16.57
C1D DBV G . -18.63 -3.40 16.64
C2D DBV G . -18.05 -3.89 17.93
C3D DBV G . -18.84 -4.76 18.53
C4D DBV G . -20.05 -4.91 17.65
CMD DBV G . -16.72 -3.38 18.40
CAD DBV G . -18.59 -5.48 19.78
CBD DBV G . -19.42 -6.27 20.40
OD DBV G . -21.07 -5.62 17.86
CL CL H . 8.76 -0.63 7.01
CHC PEB I . -0.32 8.21 9.95
NC PEB I . 1.98 8.73 9.15
C1C PEB I . 2.99 9.68 9.30
C2C PEB I . 2.54 10.58 10.31
C3C PEB I . 1.28 10.12 10.74
C4C PEB I . 0.96 8.99 10.00
CMC PEB I . 0.38 10.76 11.79
CAC PEB I . 3.22 11.85 10.76
CBC PEB I . 2.70 13.07 9.98
CGC PEB I . 3.28 14.38 10.45
O1C PEB I . 4.50 14.40 10.74
O2C PEB I . 2.57 15.42 10.39
ND PEB I . -0.45 7.42 12.34
C1D PEB I . -0.45 7.03 10.93
C2D PEB I . -1.78 6.32 10.78
C3D PEB I . -2.46 6.39 11.94
C4D PEB I . -1.62 7.03 12.97
CMD PEB I . -2.14 5.68 9.52
CAD PEB I . -3.83 5.89 12.26
CBD PEB I . -3.84 4.89 13.41
OD PEB I . -1.85 7.14 14.17
NA PEB I . 6.83 5.11 4.89
C1A PEB I . 7.26 3.95 4.28
C2A PEB I . 6.10 3.37 3.50
C3A PEB I . 5.02 4.47 3.50
C4A PEB I . 5.52 5.48 4.54
CMA PEB I . 6.52 2.82 2.13
CBA PEB I . 3.35 3.52 5.23
OA PEB I . 8.38 3.48 4.39
CHA PEB I . 4.79 6.50 5.09
CAA PEB I . 3.58 4.01 3.79
NB PEB I . 4.33 7.92 6.97
C1B PEB I . 5.20 7.49 6.06
C2B PEB I . 6.41 8.23 6.19
C3B PEB I . 6.18 9.19 7.20
C4B PEB I . 4.86 8.99 7.67
CHB PEB I . 4.22 9.76 8.67
CMB PEB I . 7.64 8.13 5.31
CAB PEB I . 7.20 10.17 7.69
CBB PEB I . 8.27 9.53 8.59
CGB PEB I . 9.40 10.28 9.11
O1B PEB I . 9.32 11.47 9.15
O2B PEB I . 10.56 9.70 9.27
CHC PEB J . 20.29 8.54 -10.81
NC PEB J . 21.73 9.76 -9.21
C1C PEB J . 23.03 10.24 -9.12
C2C PEB J . 23.71 10.00 -10.36
C3C PEB J . 22.78 9.36 -11.18
C4C PEB J . 21.58 9.20 -10.43
CMC PEB J . 22.97 8.90 -12.60
CAC PEB J . 25.13 10.35 -10.70
CBC PEB J . 26.16 9.39 -10.10
CGC PEB J . 26.10 8.07 -10.75
O1C PEB J . 26.71 7.81 -11.80
O2C PEB J . 25.36 7.14 -10.23
ND PEB J . 19.72 10.11 -12.67
C1D PEB J . 19.25 9.51 -11.44
C2D PEB J . 18.02 8.79 -11.88
C3D PEB J . 17.84 8.92 -13.20
C4D PEB J . 18.93 9.82 -13.72
CMD PEB J . 17.19 7.97 -10.91
CAD PEB J . 16.75 8.34 -14.01
CBD PEB J . 16.40 8.69 -15.25
OD PEB J . 19.08 10.23 -14.87
NA PEB J . 21.73 11.16 -1.99
C1A PEB J . 21.33 11.08 -0.69
C2A PEB J . 19.95 11.56 -0.54
C3A PEB J . 19.42 11.63 -2.03
C4A PEB J . 20.69 11.51 -2.84
CMA PEB J . 19.10 10.64 0.33
CBA PEB J . 17.65 12.73 -3.51
OA PEB J . 22.07 10.61 0.20
CHA PEB J . 20.81 11.69 -4.17
CAA PEB J . 18.54 12.84 -2.25
NB PEB J . 22.02 11.16 -6.21
C1B PEB J . 22.02 11.66 -4.95
C2B PEB J . 23.30 12.23 -4.70
C3B PEB J . 24.07 12.01 -5.84
C4B PEB J . 23.26 11.31 -6.78
CHB PEB J . 23.67 10.93 -8.06
CMB PEB J . 23.70 13.00 -3.48
CAB PEB J . 25.50 12.42 -5.98
CBB PEB J . 25.72 13.86 -6.29
CGB PEB J . 25.25 14.24 -7.58
O1B PEB J . 25.43 13.59 -8.63
O2B PEB J . 24.71 15.42 -7.75
CHC PEB K . -11.16 17.14 -7.60
NC PEB K . -12.84 15.81 -6.34
C1C PEB K . -14.18 15.44 -6.38
C2C PEB K . -14.74 16.04 -7.53
C3C PEB K . -13.73 16.80 -8.15
C4C PEB K . -12.54 16.60 -7.39
CMC PEB K . -13.84 17.64 -9.39
CAC PEB K . -16.18 15.97 -7.97
CBC PEB K . -16.38 15.15 -9.25
CGC PEB K . -15.89 13.73 -9.00
O1C PEB K . -16.33 13.06 -8.01
O2C PEB K . -15.02 13.29 -9.78
ND PEB K . -10.71 16.15 -9.82
C1D PEB K . -10.25 16.24 -8.44
C2D PEB K . -8.87 16.83 -8.58
C3D PEB K . -8.62 17.10 -9.87
C4D PEB K . -9.80 16.66 -10.68
CMD PEB K . -8.00 17.03 -7.40
CAD PEB K . -7.40 17.71 -10.45
CBD PEB K . -7.14 17.84 -11.75
OD PEB K . -9.94 16.71 -11.91
NA PEB K . -13.19 13.53 0.93
C1A PEB K . -12.72 13.57 2.22
C2A PEB K . -11.26 13.77 2.23
C3A PEB K . -10.86 13.79 0.73
C4A PEB K . -12.20 13.68 0.00
CMA PEB K . -10.89 15.06 3.00
CBA PEB K . -8.42 13.12 1.01
OA PEB K . -13.45 13.45 3.21
CHA PEB K . -12.27 13.81 -1.36
CAA PEB K . -9.76 12.75 0.37
NB PEB K . -13.31 14.32 -3.48
C1B PEB K . -13.40 13.73 -2.25
C2B PEB K . -14.70 13.08 -2.15
C3B PEB K . -15.36 13.34 -3.36
C4B PEB K . -14.51 14.13 -4.17
CHB PEB K . -14.83 14.63 -5.43
CMB PEB K . -15.21 12.22 -1.07
CAB PEB K . -16.76 12.89 -3.71
CBB PEB K . -17.82 13.74 -3.06
CGB PEB K . -19.23 13.29 -3.39
O1B PEB K . -19.49 12.70 -4.41
O2B PEB K . -20.07 13.38 -2.49
MG MG L . -3.69 -31.61 10.26
CHC PEB M . 11.03 -5.05 -0.91
NC PEB M . 10.66 -5.06 1.55
C1C PEB M . 11.21 -5.59 2.69
C2C PEB M . 12.33 -6.37 2.30
C3C PEB M . 12.42 -6.32 0.91
C4C PEB M . 11.38 -5.48 0.47
CMC PEB M . 13.42 -7.06 0.05
CAC PEB M . 13.25 -7.16 3.20
CBC PEB M . 12.87 -8.64 3.25
CGC PEB M . 13.76 -9.49 4.08
O1C PEB M . 14.13 -9.06 5.21
O2C PEB M . 14.09 -10.63 3.65
ND PEB M . 13.30 -4.09 -1.35
C1D PEB M . 11.88 -3.85 -1.43
C2D PEB M . 11.66 -3.57 -2.88
C3D PEB M . 12.83 -3.72 -3.54
C4D PEB M . 13.89 -4.04 -2.56
CMD PEB M . 10.29 -3.27 -3.43
CAD PEB M . 13.09 -3.50 -5.01
CBD PEB M . 14.25 -2.52 -5.24
OD PEB M . 15.09 -4.29 -2.80
NA PEB M . 6.01 -1.34 5.88
C1A PEB M . 5.09 -0.35 6.09
C2A PEB M . 4.03 -0.42 5.00
C3A PEB M . 4.35 -1.75 4.26
C4A PEB M . 5.68 -2.21 4.81
CMA PEB M . 2.62 -0.24 5.53
CBA PEB M . 5.53 -0.84 2.17
OA PEB M . 5.13 0.45 7.03
CHA PEB M . 6.42 -3.21 4.34
CAA PEB M . 4.33 -1.65 2.70
NB PEB M . 8.59 -4.18 3.92
C1B PEB M . 7.69 -3.73 4.82
C2B PEB M . 8.14 -4.06 6.13
C3B PEB M . 9.34 -4.75 5.97
C4B PEB M . 9.63 -4.81 4.57
CHB PEB M . 10.74 -5.46 4.01
CMB PEB M . 7.42 -3.83 7.42
CAB PEB M . 10.16 -5.38 7.06
CBB PEB M . 11.14 -4.40 7.73
CGB PEB M . 12.21 -4.07 6.80
O1B PEB M . 13.00 -4.92 6.35
O2B PEB M . 12.30 -2.85 6.49
CHC PEB N . -6.34 -5.15 22.48
NC PEB N . -4.26 -5.19 23.81
C1C PEB N . -3.84 -5.18 25.15
C2C PEB N . -4.99 -5.10 25.95
C3C PEB N . -6.12 -5.13 25.09
C4C PEB N . -5.62 -5.18 23.78
CMC PEB N . -7.56 -5.11 25.49
CAC PEB N . -5.05 -5.09 27.45
CBC PEB N . -5.50 -3.74 28.04
CGC PEB N . -4.53 -2.71 27.70
O1C PEB N . -4.87 -1.78 26.91
O2C PEB N . -3.37 -2.76 28.25
ND PEB N . -7.56 -7.32 22.78
C1D PEB N . -6.67 -6.56 21.91
C2D PEB N . -7.47 -6.46 20.65
C3D PEB N . -8.69 -7.01 20.80
C4D PEB N . -8.72 -7.59 22.18
CMD PEB N . -6.90 -5.75 19.45
CAD PEB N . -9.75 -7.08 19.81
CBD PEB N . -10.83 -7.85 19.84
OD PEB N . -9.65 -8.23 22.70
NA PEB N . 3.00 -4.34 22.34
C1A PEB N . 4.08 -4.04 21.56
C2A PEB N . 4.04 -4.78 20.29
C3A PEB N . 2.70 -5.54 20.25
C4A PEB N . 2.12 -5.21 21.70
CMA PEB N . 4.27 -3.87 19.07
CBA PEB N . 1.53 -7.68 19.54
OA PEB N . 4.96 -3.22 21.92
CHA PEB N . 0.94 -5.65 22.21
CAA PEB N . 2.81 -6.97 19.96
NB PEB N . -0.95 -5.40 23.70
C1B PEB N . 0.41 -5.47 23.56
C2B PEB N . 1.01 -5.41 24.83
C3B PEB N . -0.02 -5.26 25.76
C4B PEB N . -1.27 -5.26 25.05
CHB PEB N . -2.51 -5.16 25.63
CMB PEB N . 2.48 -5.53 25.14
CAB PEB N . 0.12 -5.07 27.25
CBB PEB N . -0.26 -6.20 28.05
CGB PEB N . 0.54 -7.25 27.94
O1B PEB N . 1.78 -7.11 27.99
O2B PEB N . -0.02 -8.52 27.87
CHC PEB O . -3.90 -20.65 -6.11
NC PEB O . -3.15 -19.58 -8.23
C1C PEB O . -3.43 -19.60 -9.60
C2C PEB O . -4.48 -20.56 -9.78
C3C PEB O . -4.81 -21.08 -8.55
C4C PEB O . -3.96 -20.46 -7.59
CMC PEB O . -5.80 -22.15 -8.24
CAC PEB O . -5.13 -20.93 -11.08
CBC PEB O . -6.57 -20.44 -11.20
CGC PEB O . -6.70 -18.96 -11.03
O1C PEB O . -5.78 -18.16 -11.37
O2C PEB O . -7.78 -18.55 -10.51
ND PEB O . -6.25 -20.05 -5.56
C1D PEB O . -4.87 -19.71 -5.30
C2D PEB O . -4.73 -20.00 -3.82
C3D PEB O . -5.87 -20.49 -3.34
C4D PEB O . -6.87 -20.52 -4.46
CMD PEB O . -3.46 -19.69 -3.11
CAD PEB O . -6.14 -20.95 -1.97
CBD PEB O . -7.32 -21.32 -1.44
OD PEB O . -8.06 -20.89 -4.38
NA PEB O . 3.09 -15.74 -10.24
C1A PEB O . 4.40 -15.35 -10.01
C2A PEB O . 4.65 -15.26 -8.54
C3A PEB O . 3.25 -15.54 -7.91
C4A PEB O . 2.38 -15.88 -9.10
CMA PEB O . 5.76 -16.21 -8.10
CBA PEB O . 3.63 -14.27 -5.75
OA PEB O . 5.23 -15.15 -10.88
CHA PEB O . 1.09 -16.36 -8.93
CAA PEB O . 2.73 -14.42 -6.99
NB PEB O . -0.88 -17.65 -9.51
C1B PEB O . 0.10 -16.80 -9.91
C2B PEB O . -0.08 -16.53 -11.30
C3B PEB O . -1.17 -17.31 -11.70
C4B PEB O . -1.70 -17.97 -10.57
CHB PEB O . -2.77 -18.87 -10.59
CMB PEB O . 0.64 -15.57 -12.18
CAB PEB O . -1.72 -17.37 -13.12
CBB PEB O . -2.91 -16.54 -13.44
CGB PEB O . -3.42 -16.45 -14.86
O1B PEB O . -2.64 -16.73 -15.83
O2B PEB O . -4.66 -16.14 -15.00
#